data_4L4O
#
_entry.id   4L4O
#
_cell.length_a   42.701
_cell.length_b   78.801
_cell.length_c   115.959
_cell.angle_alpha   90.000
_cell.angle_beta   90.000
_cell.angle_gamma   90.000
#
_symmetry.space_group_name_H-M   'P 21 21 21'
#
loop_
_entity.id
_entity.type
_entity.pdbx_description
1 polymer Endo-1,4-beta-xylanase
2 non-polymer TRIS-HYDROXYMETHYL-METHYL-AMMONIUM
3 water water
#
_entity_poly.entity_id   1
_entity_poly.type   'polypeptide(L)'
_entity_poly.pdbx_seq_one_letter_code
;MSEDYYEKSTVSLTEKYKEFFKIGAAVTVKDFEGIHGRILTKHFNSLTPENDMKFERIHPKEDFYNFEATDKIKDFALKH
NMQLRGHTLVWHNQTPEWVFRDNDKEAPKELVIERLREHIKTICTRYRDVVYSWDVVNEAVEDKTDVLLRDSKWRRIIGD
DYIKIAFEIAKKYTGNGKLFYNDYNNEMPYKLEKTYKVLKSLLEEGTPIDGVGIQAHWNIWDKNLIDNLKRAIETYASLG
LEIQITELDISVFEFEDRRTDLLEPTEEMVELQAKVYEDVFRVFREYRDVITSVTLWGISDRHTWKDNFPVIGRKDWPLL
FDIDGKPKKAFFRIIDFLEHHHHHH
;
_entity_poly.pdbx_strand_id   A
#
loop_
_chem_comp.id
_chem_comp.type
_chem_comp.name
_chem_comp.formula
144 non-polymer TRIS-HYDROXYMETHYL-METHYL-AMMONIUM 'C4 H12 N O3 1'
#
# COMPACT_ATOMS: atom_id res chain seq x y z
N THR A 10 7.34 -27.09 1.03
CA THR A 10 8.03 -25.77 0.94
C THR A 10 7.95 -25.23 -0.53
N VAL A 11 6.71 -24.90 -0.92
CA VAL A 11 6.47 -24.10 -2.13
C VAL A 11 6.73 -22.61 -1.75
N SER A 12 7.48 -21.90 -2.60
CA SER A 12 7.60 -20.43 -2.50
C SER A 12 6.36 -19.74 -3.08
N LEU A 13 5.74 -18.86 -2.29
CA LEU A 13 4.54 -18.12 -2.70
C LEU A 13 4.75 -17.32 -3.96
N THR A 14 5.85 -16.62 -4.01
CA THR A 14 6.17 -15.82 -5.21
C THR A 14 6.36 -16.70 -6.44
N GLU A 15 7.11 -17.77 -6.25
CA GLU A 15 7.40 -18.68 -7.38
C GLU A 15 6.10 -19.28 -7.86
N LYS A 16 5.28 -19.74 -6.91
CA LYS A 16 3.92 -20.21 -7.19
C LYS A 16 3.09 -19.19 -7.91
N TYR A 17 3.20 -17.91 -7.55
CA TYR A 17 2.42 -16.86 -8.28
C TYR A 17 3.10 -16.11 -9.46
N LYS A 18 4.26 -16.62 -9.89
CA LYS A 18 5.14 -15.82 -10.74
C LYS A 18 4.47 -15.44 -12.02
N GLU A 19 3.52 -16.24 -12.46
CA GLU A 19 2.85 -15.94 -13.71
C GLU A 19 1.62 -15.02 -13.53
N PHE A 20 1.27 -14.68 -12.29
CA PHE A 20 0.05 -13.92 -12.02
C PHE A 20 0.33 -12.44 -11.64
N PHE A 21 1.21 -12.31 -10.67
CA PHE A 21 1.58 -11.01 -10.15
C PHE A 21 2.69 -11.16 -9.12
N LYS A 22 3.35 -10.03 -8.88
CA LYS A 22 4.29 -9.92 -7.76
C LYS A 22 3.60 -10.18 -6.43
N ILE A 23 4.42 -10.72 -5.51
CA ILE A 23 3.97 -11.07 -4.18
C ILE A 23 4.82 -10.28 -3.23
N GLY A 24 4.23 -9.36 -2.49
CA GLY A 24 5.09 -8.40 -1.73
C GLY A 24 4.76 -8.33 -0.27
N ALA A 25 5.69 -7.79 0.53
CA ALA A 25 5.47 -7.60 1.98
C ALA A 25 5.93 -6.23 2.40
N ALA A 26 5.25 -5.63 3.36
CA ALA A 26 5.67 -4.36 3.90
C ALA A 26 6.86 -4.67 4.86
N VAL A 27 7.95 -3.90 4.76
CA VAL A 27 9.13 -4.18 5.58
C VAL A 27 9.74 -2.96 6.26
N THR A 28 10.47 -3.20 7.36
CA THR A 28 11.52 -2.27 7.79
C THR A 28 12.83 -3.06 7.90
N VAL A 29 13.94 -2.41 8.28
CA VAL A 29 15.24 -3.12 8.20
C VAL A 29 15.31 -4.32 9.16
N LYS A 30 14.66 -4.18 10.32
CA LYS A 30 14.61 -5.31 11.28
C LYS A 30 14.06 -6.60 10.60
N ASP A 31 13.19 -6.49 9.60
CA ASP A 31 12.70 -7.71 8.90
C ASP A 31 13.74 -8.44 8.10
N PHE A 32 14.95 -7.93 7.99
CA PHE A 32 15.96 -8.61 7.14
C PHE A 32 16.71 -9.66 7.98
N GLU A 33 16.42 -9.68 9.27
CA GLU A 33 17.01 -10.57 10.32
C GLU A 33 16.16 -11.81 10.60
N GLY A 34 16.79 -12.89 11.07
CA GLY A 34 16.05 -14.03 11.61
C GLY A 34 14.98 -14.67 10.75
N ILE A 35 13.89 -14.99 11.40
CA ILE A 35 12.89 -15.73 10.63
C ILE A 35 12.22 -14.91 9.50
N HIS A 36 12.00 -13.61 9.76
CA HIS A 36 11.38 -12.73 8.79
C HIS A 36 12.24 -12.69 7.56
N GLY A 37 13.56 -12.57 7.75
CA GLY A 37 14.54 -12.62 6.69
C GLY A 37 14.35 -13.80 5.79
N ARG A 38 14.17 -14.96 6.41
CA ARG A 38 14.09 -16.22 5.61
C ARG A 38 12.73 -16.31 4.94
N ILE A 39 11.68 -15.84 5.63
CA ILE A 39 10.35 -15.87 5.03
C ILE A 39 10.34 -15.00 3.76
N LEU A 40 10.91 -13.79 3.88
CA LEU A 40 10.97 -12.83 2.73
C LEU A 40 11.72 -13.42 1.57
N THR A 41 12.91 -13.94 1.82
CA THR A 41 13.72 -14.41 0.67
C THR A 41 13.16 -15.67 0.04
N LYS A 42 12.33 -16.40 0.77
CA LYS A 42 11.68 -17.60 0.21
C LYS A 42 10.46 -17.25 -0.60
N HIS A 43 9.63 -16.36 -0.07
CA HIS A 43 8.26 -16.25 -0.57
C HIS A 43 7.92 -14.99 -1.31
N PHE A 44 8.76 -13.94 -1.18
CA PHE A 44 8.32 -12.63 -1.67
C PHE A 44 9.29 -12.10 -2.72
N ASN A 45 8.78 -11.44 -3.77
CA ASN A 45 9.66 -10.80 -4.74
C ASN A 45 9.42 -9.27 -4.84
N SER A 46 8.65 -8.70 -3.90
CA SER A 46 8.40 -7.26 -3.88
C SER A 46 8.48 -6.86 -2.41
N LEU A 47 9.06 -5.68 -2.09
CA LEU A 47 9.01 -5.13 -0.73
C LEU A 47 8.43 -3.72 -0.79
N THR A 48 7.61 -3.34 0.20
CA THR A 48 7.22 -1.96 0.33
C THR A 48 7.83 -1.45 1.66
N PRO A 49 8.66 -0.39 1.67
CA PRO A 49 9.05 0.19 2.95
C PRO A 49 7.84 0.64 3.71
N GLU A 50 7.61 0.03 4.85
CA GLU A 50 6.43 0.31 5.71
C GLU A 50 6.32 1.80 6.09
N ASN A 51 7.45 2.34 6.53
CA ASN A 51 7.55 3.73 7.01
C ASN A 51 8.66 4.59 6.35
N ASP A 52 9.75 3.94 5.94
CA ASP A 52 10.98 4.71 5.71
C ASP A 52 10.98 5.57 4.47
N MET A 53 9.98 5.42 3.64
CA MET A 53 9.89 6.34 2.55
C MET A 53 8.85 7.40 2.77
N LYS A 54 8.17 7.39 3.89
CA LYS A 54 7.18 8.46 4.13
C LYS A 54 7.86 9.82 4.25
N PHE A 55 7.17 10.87 3.83
CA PHE A 55 7.83 12.17 3.65
C PHE A 55 8.59 12.61 4.93
N GLU A 56 7.87 12.60 6.07
CA GLU A 56 8.43 13.10 7.30
C GLU A 56 9.65 12.27 7.71
N ARG A 57 9.63 10.98 7.43
CA ARG A 57 10.73 10.06 7.82
C ARG A 57 11.94 10.20 6.92
N ILE A 58 11.75 10.25 5.61
CA ILE A 58 12.92 10.36 4.71
C ILE A 58 13.43 11.79 4.51
N HIS A 59 12.62 12.79 4.87
CA HIS A 59 12.87 14.18 4.53
C HIS A 59 12.40 15.12 5.66
N PRO A 60 13.01 14.99 6.84
CA PRO A 60 12.47 15.66 8.07
C PRO A 60 12.74 17.15 8.10
N LYS A 61 13.76 17.63 7.38
CA LYS A 61 13.99 19.04 7.28
C LYS A 61 14.30 19.29 5.84
N GLU A 62 14.14 20.53 5.39
CA GLU A 62 14.37 20.80 3.98
C GLU A 62 15.77 20.36 3.50
N ASP A 63 16.79 20.54 4.35
CA ASP A 63 18.13 20.20 3.89
C ASP A 63 18.66 18.87 4.46
N PHE A 64 17.76 18.00 4.91
CA PHE A 64 18.16 16.75 5.53
C PHE A 64 17.29 15.58 5.10
N TYR A 65 17.92 14.63 4.39
CA TYR A 65 17.22 13.40 3.99
C TYR A 65 17.78 12.26 4.81
N ASN A 66 16.99 11.28 5.13
CA ASN A 66 17.49 10.11 5.85
C ASN A 66 17.42 8.99 4.89
N PHE A 67 18.51 8.64 4.28
CA PHE A 67 18.50 7.65 3.19
C PHE A 67 18.96 6.31 3.73
N GLU A 68 19.47 6.27 4.96
CA GLU A 68 20.09 4.97 5.38
C GLU A 68 19.15 3.76 5.40
N ALA A 69 17.95 3.90 5.99
CA ALA A 69 17.07 2.79 6.04
C ALA A 69 16.61 2.40 4.63
N THR A 70 16.24 3.38 3.81
CA THR A 70 15.80 3.04 2.45
C THR A 70 16.92 2.48 1.61
N ASP A 71 18.15 2.95 1.79
CA ASP A 71 19.27 2.31 1.10
C ASP A 71 19.44 0.84 1.45
N LYS A 72 19.29 0.56 2.75
CA LYS A 72 19.37 -0.87 3.18
C LYS A 72 18.25 -1.73 2.56
N ILE A 73 17.07 -1.15 2.48
CA ILE A 73 15.96 -1.88 1.90
C ILE A 73 16.25 -2.09 0.43
N LYS A 74 16.74 -1.06 -0.20
CA LYS A 74 17.06 -1.18 -1.63
C LYS A 74 18.20 -2.23 -1.80
N ASP A 75 19.26 -2.09 -1.03
CA ASP A 75 20.41 -3.05 -1.12
C ASP A 75 19.95 -4.53 -0.89
N PHE A 76 19.11 -4.72 0.13
CA PHE A 76 18.48 -5.99 0.33
C PHE A 76 17.69 -6.49 -0.87
N ALA A 77 16.79 -5.67 -1.39
CA ALA A 77 16.02 -6.06 -2.57
C ALA A 77 16.92 -6.42 -3.75
N LEU A 78 17.92 -5.61 -4.02
CA LEU A 78 18.85 -5.91 -5.13
C LEU A 78 19.58 -7.27 -4.93
N LYS A 79 20.06 -7.51 -3.70
CA LYS A 79 20.78 -8.76 -3.39
C LYS A 79 19.94 -10.06 -3.47
N HIS A 80 18.62 -9.90 -3.42
CA HIS A 80 17.73 -11.02 -3.33
C HIS A 80 16.75 -11.00 -4.47
N ASN A 81 17.08 -10.28 -5.54
CA ASN A 81 16.23 -10.21 -6.72
C ASN A 81 14.81 -9.81 -6.41
N MET A 82 14.63 -8.80 -5.59
CA MET A 82 13.32 -8.26 -5.36
C MET A 82 13.26 -6.82 -5.88
N GLN A 83 12.06 -6.25 -6.03
CA GLN A 83 11.86 -4.89 -6.38
C GLN A 83 10.95 -4.26 -5.34
N LEU A 84 10.92 -2.94 -5.32
CA LEU A 84 10.23 -2.17 -4.27
C LEU A 84 8.97 -1.54 -4.85
N ARG A 85 8.00 -1.36 -3.96
CA ARG A 85 7.06 -0.27 -4.16
C ARG A 85 7.42 0.98 -3.37
N GLY A 86 7.36 2.13 -4.03
CA GLY A 86 7.71 3.44 -3.38
C GLY A 86 6.45 4.01 -2.71
N HIS A 87 6.49 3.97 -1.37
CA HIS A 87 5.29 4.39 -0.58
C HIS A 87 5.77 5.39 0.43
N THR A 88 5.34 6.65 0.40
CA THR A 88 4.44 7.22 -0.60
C THR A 88 4.86 8.68 -0.72
N LEU A 89 4.55 9.34 -1.86
CA LEU A 89 5.04 10.71 -2.06
C LEU A 89 4.19 11.76 -1.38
N VAL A 90 2.90 11.77 -1.72
CA VAL A 90 2.08 12.89 -1.28
C VAL A 90 0.98 12.27 -0.47
N TRP A 91 0.97 12.61 0.81
CA TRP A 91 -0.05 12.06 1.73
C TRP A 91 -0.40 13.11 2.75
N HIS A 92 -1.67 13.28 3.09
CA HIS A 92 -2.07 14.25 4.09
C HIS A 92 -1.47 13.95 5.45
N ASN A 93 -0.99 12.76 5.73
CA ASN A 93 -0.32 12.49 7.05
C ASN A 93 1.15 12.38 6.83
N GLN A 94 1.87 12.44 7.92
CA GLN A 94 3.32 12.31 7.87
C GLN A 94 4.10 13.13 6.82
N THR A 95 3.62 14.37 6.65
CA THR A 95 4.27 15.36 5.85
C THR A 95 4.74 16.43 6.86
N PRO A 96 6.05 16.67 6.93
CA PRO A 96 6.55 17.58 7.98
C PRO A 96 6.10 19.01 7.69
N GLU A 97 6.00 19.79 8.76
CA GLU A 97 5.48 21.16 8.70
C GLU A 97 6.40 22.10 7.93
N TRP A 98 7.72 21.84 7.85
CA TRP A 98 8.56 22.76 7.02
C TRP A 98 8.07 22.93 5.62
N VAL A 99 7.48 21.90 5.03
CA VAL A 99 7.06 21.97 3.64
C VAL A 99 6.04 23.10 3.48
N PHE A 100 5.21 23.32 4.49
CA PHE A 100 4.13 24.32 4.33
C PHE A 100 4.36 25.68 4.95
N ARG A 101 5.57 25.92 5.39
CA ARG A 101 5.95 27.15 6.06
C ARG A 101 6.99 27.92 5.25
N ASP A 102 6.84 29.24 5.29
CA ASP A 102 7.79 30.14 4.64
C ASP A 102 8.15 31.20 5.69
N ASN A 103 9.24 30.94 6.42
CA ASN A 103 9.58 31.61 7.71
C ASN A 103 8.39 31.68 8.62
N ASP A 104 7.85 32.87 8.87
CA ASP A 104 6.74 32.92 9.80
C ASP A 104 5.37 32.90 9.14
N LYS A 105 5.31 32.69 7.84
CA LYS A 105 4.02 32.66 7.16
C LYS A 105 3.74 31.30 6.55
N GLU A 106 2.53 31.09 6.04
CA GLU A 106 2.23 29.92 5.24
C GLU A 106 2.95 30.03 3.83
N ALA A 107 3.57 28.98 3.36
CA ALA A 107 4.25 28.99 2.07
C ALA A 107 3.17 29.13 0.97
N PRO A 108 3.46 29.88 -0.08
CA PRO A 108 2.51 29.92 -1.17
C PRO A 108 2.52 28.62 -2.05
N LYS A 109 1.43 28.42 -2.80
CA LYS A 109 1.34 27.35 -3.77
C LYS A 109 2.62 27.04 -4.53
N GLU A 110 3.26 28.03 -5.14
CA GLU A 110 4.33 27.66 -6.04
C GLU A 110 5.60 27.26 -5.23
N LEU A 111 5.72 27.75 -4.01
CA LEU A 111 6.88 27.32 -3.18
C LEU A 111 6.69 25.84 -2.71
N VAL A 112 5.47 25.50 -2.29
CA VAL A 112 5.16 24.16 -1.94
C VAL A 112 5.41 23.23 -3.16
N ILE A 113 4.91 23.61 -4.32
CA ILE A 113 5.11 22.77 -5.51
C ILE A 113 6.62 22.56 -5.75
N GLU A 114 7.41 23.62 -5.56
CA GLU A 114 8.82 23.54 -5.88
C GLU A 114 9.52 22.61 -4.87
N ARG A 115 9.10 22.70 -3.62
CA ARG A 115 9.61 21.78 -2.60
C ARG A 115 9.22 20.33 -2.96
N LEU A 116 8.00 20.14 -3.43
CA LEU A 116 7.58 18.81 -3.70
C LEU A 116 8.35 18.28 -4.90
N ARG A 117 8.60 19.14 -5.89
CA ARG A 117 9.36 18.71 -7.06
C ARG A 117 10.77 18.25 -6.62
N GLU A 118 11.41 19.06 -5.80
CA GLU A 118 12.74 18.68 -5.35
C GLU A 118 12.76 17.37 -4.55
N HIS A 119 11.73 17.18 -3.68
CA HIS A 119 11.66 15.98 -2.88
C HIS A 119 11.47 14.77 -3.83
N ILE A 120 10.55 14.86 -4.81
CA ILE A 120 10.30 13.77 -5.70
C ILE A 120 11.53 13.51 -6.55
N LYS A 121 12.15 14.58 -7.03
CA LYS A 121 13.33 14.34 -7.89
C LYS A 121 14.33 13.57 -7.02
N THR A 122 14.51 14.03 -5.78
CA THR A 122 15.66 13.46 -5.05
C THR A 122 15.42 11.96 -4.75
N ILE A 123 14.24 11.66 -4.20
CA ILE A 123 13.93 10.32 -3.80
C ILE A 123 13.69 9.35 -5.01
N CYS A 124 12.98 9.80 -6.03
CA CYS A 124 12.75 8.92 -7.21
C CYS A 124 14.01 8.71 -7.95
N THR A 125 14.90 9.69 -8.00
CA THR A 125 16.16 9.46 -8.72
C THR A 125 16.95 8.35 -7.95
N ARG A 126 16.92 8.40 -6.62
CA ARG A 126 17.84 7.48 -5.85
C ARG A 126 17.35 6.02 -5.99
N TYR A 127 16.03 5.86 -6.07
CA TYR A 127 15.48 4.53 -5.96
C TYR A 127 14.73 4.02 -7.23
N ARG A 128 14.63 4.79 -8.31
CA ARG A 128 13.83 4.34 -9.49
C ARG A 128 14.38 3.07 -10.16
N ASP A 129 15.66 2.73 -9.95
CA ASP A 129 16.23 1.52 -10.51
C ASP A 129 15.69 0.26 -9.84
N VAL A 130 15.13 0.40 -8.61
CA VAL A 130 14.66 -0.78 -7.96
C VAL A 130 13.14 -0.71 -7.73
N VAL A 131 12.53 0.44 -7.96
CA VAL A 131 11.14 0.63 -7.63
C VAL A 131 10.30 0.34 -8.84
N TYR A 132 9.30 -0.56 -8.77
CA TYR A 132 8.54 -0.88 -10.01
C TYR A 132 7.18 -0.15 -10.00
N SER A 133 6.75 0.37 -8.86
CA SER A 133 5.49 1.13 -8.76
C SER A 133 5.58 2.14 -7.64
N TRP A 134 5.00 3.32 -7.81
CA TRP A 134 5.08 4.38 -6.79
C TRP A 134 3.67 4.68 -6.37
N ASP A 135 3.47 4.82 -5.06
CA ASP A 135 2.20 5.42 -4.55
C ASP A 135 2.41 6.91 -4.55
N VAL A 136 2.02 7.54 -5.65
CA VAL A 136 2.36 8.91 -5.83
C VAL A 136 1.52 9.76 -4.86
N VAL A 137 0.24 9.42 -4.82
CA VAL A 137 -0.67 10.13 -3.96
C VAL A 137 -1.42 9.05 -3.22
N ASN A 138 -1.61 9.28 -1.92
CA ASN A 138 -2.24 8.33 -1.03
C ASN A 138 -3.42 8.98 -0.35
N GLU A 139 -4.63 8.37 -0.43
CA GLU A 139 -5.75 8.72 0.42
C GLU A 139 -6.25 10.14 0.24
N ALA A 140 -6.20 10.60 -0.99
CA ALA A 140 -6.67 11.97 -1.37
C ALA A 140 -8.22 12.08 -1.41
N VAL A 141 -8.89 10.98 -1.62
CA VAL A 141 -10.35 10.97 -1.75
C VAL A 141 -11.00 11.01 -0.39
N GLU A 142 -11.95 11.92 -0.20
CA GLU A 142 -12.62 12.16 1.08
C GLU A 142 -13.39 10.91 1.48
N ASP A 143 -13.12 10.44 2.70
CA ASP A 143 -13.67 9.18 3.20
C ASP A 143 -14.97 9.46 3.96
N LYS A 144 -15.13 10.65 4.53
CA LYS A 144 -16.20 10.84 5.51
C LYS A 144 -17.33 11.78 5.14
N THR A 145 -17.11 12.75 4.28
CA THR A 145 -18.25 13.56 3.94
C THR A 145 -18.59 13.33 2.50
N ASP A 146 -19.51 14.16 2.02
CA ASP A 146 -19.99 14.17 0.65
C ASP A 146 -18.97 14.64 -0.40
N VAL A 147 -18.10 15.58 0.00
CA VAL A 147 -17.14 16.22 -0.90
C VAL A 147 -16.15 15.16 -1.46
N LEU A 148 -15.67 15.34 -2.71
CA LEU A 148 -14.78 14.37 -3.38
C LEU A 148 -13.41 14.24 -2.67
N LEU A 149 -12.77 15.37 -2.40
CA LEU A 149 -11.37 15.39 -2.00
C LEU A 149 -11.19 15.66 -0.54
N ARG A 150 -10.38 14.84 0.12
CA ARG A 150 -10.06 14.99 1.52
C ARG A 150 -9.39 16.34 1.69
N ASP A 151 -9.76 17.05 2.75
CA ASP A 151 -9.12 18.29 3.03
C ASP A 151 -7.67 17.91 3.53
N SER A 152 -6.65 18.57 3.03
CA SER A 152 -5.29 18.42 3.55
C SER A 152 -4.52 19.65 3.15
N LYS A 153 -3.35 19.82 3.72
CA LYS A 153 -2.58 21.02 3.49
C LYS A 153 -2.17 21.01 2.09
N TRP A 154 -1.84 19.82 1.53
CA TRP A 154 -1.51 19.82 0.12
C TRP A 154 -2.69 20.38 -0.64
N ARG A 155 -3.89 19.86 -0.36
CA ARG A 155 -5.02 20.30 -1.14
C ARG A 155 -5.33 21.80 -0.93
N ARG A 156 -5.26 22.25 0.33
CA ARG A 156 -5.64 23.64 0.72
C ARG A 156 -4.75 24.59 -0.04
N ILE A 157 -3.43 24.36 0.02
CA ILE A 157 -2.45 25.26 -0.57
C ILE A 157 -2.30 25.07 -2.07
N ILE A 158 -2.13 23.85 -2.58
CA ILE A 158 -1.95 23.77 -4.05
C ILE A 158 -3.28 23.93 -4.79
N GLY A 159 -4.42 23.53 -4.19
CA GLY A 159 -5.70 23.56 -4.92
C GLY A 159 -6.04 22.18 -5.48
N ASP A 160 -7.19 22.07 -6.11
CA ASP A 160 -7.67 20.76 -6.50
C ASP A 160 -6.82 20.08 -7.57
N ASP A 161 -6.00 20.86 -8.28
CA ASP A 161 -5.08 20.26 -9.24
C ASP A 161 -3.93 19.46 -8.64
N TYR A 162 -3.75 19.47 -7.32
CA TYR A 162 -2.50 18.92 -6.76
C TYR A 162 -2.30 17.43 -7.09
N ILE A 163 -3.39 16.72 -7.37
CA ILE A 163 -3.15 15.31 -7.68
C ILE A 163 -2.46 15.19 -9.03
N LYS A 164 -3.03 15.85 -10.04
CA LYS A 164 -2.42 15.82 -11.37
C LYS A 164 -0.97 16.36 -11.30
N ILE A 165 -0.77 17.44 -10.53
CA ILE A 165 0.56 18.02 -10.41
C ILE A 165 1.53 17.02 -9.87
N ALA A 166 1.13 16.30 -8.86
CA ALA A 166 2.09 15.32 -8.26
C ALA A 166 2.47 14.25 -9.27
N PHE A 167 1.45 13.73 -9.94
CA PHE A 167 1.69 12.73 -10.97
C PHE A 167 2.56 13.17 -12.11
N GLU A 168 2.35 14.41 -12.59
CA GLU A 168 3.20 14.88 -13.74
C GLU A 168 4.65 15.08 -13.27
N ILE A 169 4.83 15.57 -12.04
CA ILE A 169 6.22 15.59 -11.46
C ILE A 169 6.87 14.23 -11.42
N ALA A 170 6.16 13.28 -10.78
CA ALA A 170 6.74 11.97 -10.48
C ALA A 170 7.11 11.28 -11.81
N LYS A 171 6.27 11.50 -12.79
CA LYS A 171 6.49 10.92 -14.15
C LYS A 171 7.79 11.30 -14.68
N LYS A 172 8.22 12.51 -14.37
CA LYS A 172 9.50 12.96 -14.89
C LYS A 172 10.67 12.19 -14.29
N TYR A 173 10.51 11.77 -13.05
CA TYR A 173 11.73 11.21 -12.38
C TYR A 173 11.68 9.72 -12.06
N THR A 174 10.64 9.00 -12.52
CA THR A 174 10.41 7.58 -12.15
C THR A 174 10.78 6.55 -13.20
N GLY A 175 11.36 6.99 -14.30
CA GLY A 175 11.89 6.05 -15.30
C GLY A 175 10.61 5.52 -15.92
N ASN A 176 10.49 4.21 -15.95
CA ASN A 176 9.20 3.71 -16.31
C ASN A 176 8.50 2.92 -15.17
N GLY A 177 8.80 3.22 -13.87
CA GLY A 177 8.03 2.61 -12.76
C GLY A 177 6.55 2.99 -13.03
N LYS A 178 5.60 2.24 -12.51
CA LYS A 178 4.22 2.63 -12.78
C LYS A 178 3.75 3.53 -11.67
N LEU A 179 2.86 4.42 -11.98
CA LEU A 179 2.42 5.43 -10.98
C LEU A 179 1.02 5.12 -10.54
N PHE A 180 0.84 5.06 -9.22
CA PHE A 180 -0.39 4.65 -8.58
C PHE A 180 -0.97 5.68 -7.66
N TYR A 181 -2.29 5.70 -7.68
CA TYR A 181 -3.14 6.31 -6.65
C TYR A 181 -3.59 5.24 -5.68
N ASN A 182 -3.31 5.44 -4.38
CA ASN A 182 -3.47 4.39 -3.39
C ASN A 182 -4.49 4.84 -2.33
N ASP A 183 -5.35 3.93 -1.87
CA ASP A 183 -6.37 4.35 -0.90
C ASP A 183 -6.99 3.17 -0.23
N TYR A 184 -7.70 3.38 0.88
CA TYR A 184 -8.34 2.28 1.59
C TYR A 184 -9.92 2.34 1.41
N ASN A 185 -10.60 1.20 1.57
CA ASN A 185 -12.10 1.10 1.49
C ASN A 185 -12.54 1.38 0.08
N ASN A 186 -11.56 1.47 -0.82
CA ASN A 186 -11.91 1.90 -2.19
C ASN A 186 -12.59 0.78 -3.01
N GLU A 187 -12.77 -0.39 -2.38
CA GLU A 187 -13.66 -1.42 -2.90
C GLU A 187 -15.13 -1.26 -2.43
N MET A 188 -15.38 -0.58 -1.30
CA MET A 188 -16.73 -0.32 -0.84
C MET A 188 -17.56 0.59 -1.73
N PRO A 189 -18.90 0.31 -1.86
CA PRO A 189 -19.78 1.03 -2.81
C PRO A 189 -19.64 2.56 -2.82
N TYR A 190 -19.82 3.23 -1.67
CA TYR A 190 -19.71 4.69 -1.53
C TYR A 190 -18.28 5.18 -1.99
N LYS A 191 -17.19 4.50 -1.61
CA LYS A 191 -15.92 5.10 -1.94
C LYS A 191 -15.52 4.79 -3.39
N LEU A 192 -15.85 3.59 -3.88
CA LEU A 192 -15.60 3.20 -5.25
C LEU A 192 -16.18 4.21 -6.27
N GLU A 193 -17.43 4.60 -6.07
CA GLU A 193 -18.07 5.59 -6.97
C GLU A 193 -17.34 6.90 -7.01
N LYS A 194 -17.11 7.48 -5.82
CA LYS A 194 -16.35 8.72 -5.65
C LYS A 194 -14.98 8.60 -6.35
N THR A 195 -14.30 7.48 -6.11
CA THR A 195 -12.88 7.35 -6.59
C THR A 195 -12.92 7.17 -8.11
N TYR A 196 -13.90 6.41 -8.58
CA TYR A 196 -14.09 6.31 -10.06
C TYR A 196 -14.18 7.67 -10.69
N LYS A 197 -15.02 8.56 -10.14
CA LYS A 197 -15.15 9.92 -10.73
C LYS A 197 -13.86 10.72 -10.76
N VAL A 198 -13.15 10.71 -9.63
CA VAL A 198 -11.95 11.53 -9.54
C VAL A 198 -10.95 10.99 -10.54
N LEU A 199 -10.74 9.68 -10.60
CA LEU A 199 -9.74 9.05 -11.46
C LEU A 199 -10.10 9.28 -12.94
N LYS A 200 -11.39 9.08 -13.26
CA LYS A 200 -11.83 9.24 -14.64
C LYS A 200 -11.55 10.70 -15.00
N SER A 201 -11.87 11.63 -14.12
CA SER A 201 -11.62 13.04 -14.47
C SER A 201 -10.06 13.39 -14.57
N LEU A 202 -9.21 12.79 -13.72
CA LEU A 202 -7.76 12.98 -13.79
C LEU A 202 -7.24 12.44 -15.15
N LEU A 203 -7.71 11.27 -15.52
CA LEU A 203 -7.25 10.59 -16.74
C LEU A 203 -7.72 11.36 -17.97
N GLU A 204 -8.96 11.87 -17.90
CA GLU A 204 -9.43 12.80 -18.95
C GLU A 204 -8.61 14.08 -19.08
N GLU A 205 -7.80 14.45 -18.07
CA GLU A 205 -7.02 15.66 -18.12
C GLU A 205 -5.57 15.25 -18.42
N GLY A 206 -5.34 13.99 -18.82
CA GLY A 206 -3.96 13.58 -19.17
C GLY A 206 -3.04 13.28 -18.01
N THR A 207 -3.57 12.96 -16.82
CA THR A 207 -2.71 12.59 -15.65
C THR A 207 -2.16 11.24 -15.95
N PRO A 208 -0.83 11.06 -15.80
CA PRO A 208 -0.19 9.75 -16.11
C PRO A 208 -0.27 8.75 -14.90
N ILE A 209 -1.49 8.47 -14.48
CA ILE A 209 -1.77 7.45 -13.49
C ILE A 209 -1.86 6.09 -14.20
N ASP A 210 -1.05 5.12 -13.80
CA ASP A 210 -1.07 3.78 -14.40
C ASP A 210 -2.03 2.84 -13.68
N GLY A 211 -2.29 3.10 -12.40
CA GLY A 211 -3.01 2.12 -11.60
C GLY A 211 -3.63 2.65 -10.32
N VAL A 212 -4.46 1.81 -9.71
CA VAL A 212 -5.15 2.11 -8.45
C VAL A 212 -4.61 1.09 -7.50
N GLY A 213 -4.19 1.59 -6.36
CA GLY A 213 -3.84 0.72 -5.25
C GLY A 213 -5.04 0.57 -4.33
N ILE A 214 -5.39 -0.70 -4.10
CA ILE A 214 -6.47 -1.07 -3.13
C ILE A 214 -5.72 -1.56 -1.89
N GLN A 215 -5.77 -0.76 -0.85
CA GLN A 215 -4.95 -1.12 0.34
C GLN A 215 -5.38 -2.48 0.95
N ALA A 216 -6.71 -2.72 0.96
CA ALA A 216 -7.22 -4.06 1.36
C ALA A 216 -6.96 -4.34 2.84
N HIS A 217 -7.14 -3.31 3.67
CA HIS A 217 -7.29 -3.54 5.15
C HIS A 217 -8.66 -4.12 5.44
N TRP A 218 -8.74 -5.47 5.43
CA TRP A 218 -10.03 -6.19 5.43
C TRP A 218 -10.19 -6.94 6.73
N ASN A 219 -11.36 -7.52 6.95
CA ASN A 219 -11.54 -8.37 8.15
C ASN A 219 -12.39 -9.62 7.79
N ILE A 220 -12.27 -10.69 8.56
CA ILE A 220 -13.00 -11.93 8.27
C ILE A 220 -14.55 -11.84 8.27
N TRP A 221 -15.12 -10.72 8.72
CA TRP A 221 -16.57 -10.64 8.93
C TRP A 221 -17.33 -9.93 7.87
N ASP A 222 -16.62 -9.33 6.91
CA ASP A 222 -17.25 -8.48 5.94
C ASP A 222 -17.95 -9.38 4.92
N LYS A 223 -19.27 -9.39 4.94
CA LYS A 223 -20.02 -10.30 4.09
C LYS A 223 -20.00 -9.82 2.64
N ASN A 224 -19.74 -8.52 2.42
CA ASN A 224 -19.72 -7.95 1.08
C ASN A 224 -18.35 -7.98 0.38
N LEU A 225 -17.33 -8.40 1.11
CA LEU A 225 -15.95 -8.28 0.65
C LEU A 225 -15.75 -8.80 -0.78
N ILE A 226 -16.17 -10.04 -1.04
CA ILE A 226 -15.96 -10.69 -2.32
C ILE A 226 -16.65 -9.99 -3.47
N ASP A 227 -17.90 -9.64 -3.29
CA ASP A 227 -18.64 -8.88 -4.28
C ASP A 227 -18.13 -7.44 -4.45
N ASN A 228 -17.78 -6.80 -3.36
CA ASN A 228 -17.18 -5.51 -3.49
C ASN A 228 -15.88 -5.60 -4.28
N LEU A 229 -15.04 -6.56 -3.95
CA LEU A 229 -13.73 -6.67 -4.53
C LEU A 229 -13.87 -6.92 -6.02
N LYS A 230 -14.79 -7.81 -6.43
CA LYS A 230 -15.02 -8.00 -7.90
C LYS A 230 -15.49 -6.74 -8.58
N ARG A 231 -16.44 -6.04 -7.95
CA ARG A 231 -17.04 -4.87 -8.60
C ARG A 231 -15.96 -3.75 -8.75
N ALA A 232 -15.11 -3.59 -7.72
CA ALA A 232 -14.02 -2.66 -7.70
C ALA A 232 -13.02 -2.94 -8.85
N ILE A 233 -12.49 -4.16 -8.96
CA ILE A 233 -11.48 -4.49 -9.91
C ILE A 233 -12.03 -4.20 -11.29
N GLU A 234 -13.29 -4.58 -11.54
CA GLU A 234 -13.92 -4.36 -12.87
C GLU A 234 -14.07 -2.92 -13.18
N THR A 235 -14.53 -2.14 -12.20
CA THR A 235 -14.71 -0.71 -12.39
C THR A 235 -13.35 0.03 -12.70
N TYR A 236 -12.32 -0.23 -11.89
CA TYR A 236 -11.04 0.44 -12.11
C TYR A 236 -10.45 0.00 -13.45
N ALA A 237 -10.53 -1.30 -13.74
CA ALA A 237 -9.98 -1.84 -15.00
C ALA A 237 -10.68 -1.18 -16.15
N SER A 238 -11.95 -0.84 -16.00
CA SER A 238 -12.71 -0.24 -17.14
C SER A 238 -12.14 1.15 -17.43
N LEU A 239 -11.31 1.67 -16.54
CA LEU A 239 -10.62 2.92 -16.79
C LEU A 239 -9.30 2.70 -17.54
N GLY A 240 -8.90 1.45 -17.80
CA GLY A 240 -7.60 1.20 -18.39
C GLY A 240 -6.55 1.12 -17.27
N LEU A 241 -6.96 1.03 -16.03
CA LEU A 241 -5.98 1.06 -14.93
C LEU A 241 -5.56 -0.32 -14.50
N GLU A 242 -4.28 -0.49 -14.20
CA GLU A 242 -3.84 -1.65 -13.43
C GLU A 242 -4.35 -1.55 -12.01
N ILE A 243 -4.34 -2.69 -11.33
CA ILE A 243 -4.72 -2.74 -9.91
C ILE A 243 -3.58 -3.39 -9.19
N GLN A 244 -3.21 -2.79 -8.10
CA GLN A 244 -2.36 -3.45 -7.19
C GLN A 244 -3.06 -3.53 -5.81
N ILE A 245 -2.89 -4.66 -5.13
CA ILE A 245 -3.35 -4.84 -3.75
C ILE A 245 -2.14 -4.48 -2.90
N THR A 246 -2.24 -3.40 -2.15
CA THR A 246 -0.99 -2.85 -1.66
C THR A 246 -0.75 -3.07 -0.25
N GLU A 247 -1.84 -3.19 0.54
CA GLU A 247 -1.59 -3.37 1.99
C GLU A 247 -2.46 -4.42 2.67
N LEU A 248 -2.56 -5.60 2.04
CA LEU A 248 -3.50 -6.64 2.44
C LEU A 248 -3.17 -7.22 3.81
N ASP A 249 -4.19 -7.13 4.68
CA ASP A 249 -4.21 -7.94 5.85
C ASP A 249 -5.67 -8.20 6.22
N ILE A 250 -5.88 -9.26 7.01
CA ILE A 250 -7.29 -9.72 7.26
C ILE A 250 -7.47 -9.90 8.74
N SER A 251 -7.97 -8.86 9.37
CA SER A 251 -8.05 -8.81 10.80
C SER A 251 -9.14 -9.80 11.22
N VAL A 252 -8.96 -10.38 12.39
CA VAL A 252 -10.00 -11.22 12.99
C VAL A 252 -11.14 -10.37 13.62
N PHE A 253 -10.94 -9.05 13.71
CA PHE A 253 -11.92 -8.17 14.37
C PHE A 253 -12.65 -7.29 13.36
N GLU A 254 -13.95 -7.12 13.56
CA GLU A 254 -14.62 -6.04 12.89
C GLU A 254 -13.96 -4.78 13.35
N PHE A 255 -14.02 -3.75 12.50
CA PHE A 255 -13.33 -2.51 12.78
C PHE A 255 -13.74 -1.91 14.15
N GLU A 256 -15.02 -1.93 14.44
CA GLU A 256 -15.52 -1.35 15.68
C GLU A 256 -15.48 -2.32 16.89
N ASP A 257 -15.17 -3.60 16.61
CA ASP A 257 -14.93 -4.50 17.72
C ASP A 257 -13.53 -4.27 18.28
N ARG A 258 -13.52 -3.58 19.41
CA ARG A 258 -12.28 -3.14 20.03
C ARG A 258 -11.85 -3.98 21.22
N ARG A 259 -12.34 -5.22 21.31
CA ARG A 259 -12.05 -6.05 22.51
C ARG A 259 -10.52 -6.29 22.58
N THR A 260 -9.99 -6.39 23.79
CA THR A 260 -8.52 -6.52 23.95
C THR A 260 -8.24 -7.83 24.71
N ASP A 261 -9.22 -8.70 24.92
CA ASP A 261 -8.98 -9.86 25.80
C ASP A 261 -8.31 -11.07 25.13
N LEU A 262 -8.48 -11.18 23.81
CA LEU A 262 -8.11 -12.41 23.12
C LEU A 262 -6.59 -12.64 23.15
N LEU A 263 -6.15 -13.78 23.64
CA LEU A 263 -4.70 -14.10 23.62
C LEU A 263 -4.40 -14.89 22.36
N GLU A 264 -5.42 -15.43 21.70
CA GLU A 264 -5.19 -16.11 20.43
C GLU A 264 -6.51 -16.09 19.68
N PRO A 265 -6.48 -16.30 18.35
CA PRO A 265 -7.77 -16.31 17.66
C PRO A 265 -8.68 -17.52 18.03
N THR A 266 -10.02 -17.33 17.97
CA THR A 266 -10.93 -18.43 18.20
C THR A 266 -10.84 -19.33 16.96
N GLU A 267 -11.37 -20.54 17.11
CA GLU A 267 -11.27 -21.50 16.04
C GLU A 267 -12.18 -21.06 14.90
N GLU A 268 -13.29 -20.41 15.24
CA GLU A 268 -14.09 -19.78 14.19
C GLU A 268 -13.22 -18.76 13.38
N MET A 269 -12.53 -17.87 14.10
CA MET A 269 -11.56 -16.96 13.48
C MET A 269 -10.58 -17.67 12.57
N VAL A 270 -9.79 -18.61 13.08
CA VAL A 270 -8.76 -19.28 12.26
C VAL A 270 -9.35 -19.85 10.96
N GLU A 271 -10.57 -20.37 11.07
CA GLU A 271 -11.14 -21.09 9.94
C GLU A 271 -11.76 -20.14 8.96
N LEU A 272 -12.47 -19.12 9.48
CA LEU A 272 -13.00 -18.08 8.62
C LEU A 272 -11.84 -17.35 7.87
N GLN A 273 -10.73 -17.13 8.57
CA GLN A 273 -9.63 -16.40 7.95
C GLN A 273 -9.03 -17.19 6.78
N ALA A 274 -8.77 -18.48 6.97
CA ALA A 274 -8.27 -19.32 5.90
C ALA A 274 -9.22 -19.25 4.71
N LYS A 275 -10.52 -19.28 4.95
CA LYS A 275 -11.49 -19.14 3.85
C LYS A 275 -11.47 -17.78 3.18
N VAL A 276 -11.43 -16.70 3.99
CA VAL A 276 -11.42 -15.37 3.42
C VAL A 276 -10.15 -15.18 2.52
N TYR A 277 -8.97 -15.56 3.00
CA TYR A 277 -7.75 -15.57 2.21
C TYR A 277 -7.85 -16.42 0.92
N GLU A 278 -8.28 -17.67 1.03
CA GLU A 278 -8.44 -18.51 -0.16
C GLU A 278 -9.37 -17.81 -1.11
N ASP A 279 -10.44 -17.21 -0.59
CA ASP A 279 -11.43 -16.54 -1.46
C ASP A 279 -10.90 -15.30 -2.18
N VAL A 280 -10.17 -14.44 -1.46
CA VAL A 280 -9.70 -13.22 -2.11
C VAL A 280 -8.62 -13.56 -3.11
N PHE A 281 -7.75 -14.52 -2.79
CA PHE A 281 -6.71 -14.93 -3.74
C PHE A 281 -7.27 -15.61 -4.97
N ARG A 282 -8.40 -16.26 -4.81
CA ARG A 282 -9.07 -16.85 -6.00
C ARG A 282 -9.54 -15.68 -6.85
N VAL A 283 -10.09 -14.63 -6.22
CA VAL A 283 -10.47 -13.44 -7.00
C VAL A 283 -9.24 -12.81 -7.69
N PHE A 284 -8.13 -12.79 -6.96
CA PHE A 284 -6.90 -12.18 -7.49
C PHE A 284 -6.51 -12.95 -8.77
N ARG A 285 -6.42 -14.28 -8.66
CA ARG A 285 -6.09 -15.14 -9.82
C ARG A 285 -7.01 -14.93 -11.00
N GLU A 286 -8.29 -14.76 -10.71
CA GLU A 286 -9.30 -14.54 -11.74
C GLU A 286 -9.06 -13.28 -12.53
N TYR A 287 -8.67 -12.20 -11.86
CA TYR A 287 -8.46 -10.95 -12.57
C TYR A 287 -6.97 -10.78 -12.78
N ARG A 288 -6.23 -11.85 -13.01
CA ARG A 288 -4.77 -11.77 -13.11
C ARG A 288 -4.27 -10.87 -14.28
N ASP A 289 -5.09 -10.75 -15.34
CA ASP A 289 -4.74 -9.81 -16.43
C ASP A 289 -4.71 -8.33 -15.98
N VAL A 290 -5.35 -8.00 -14.86
CA VAL A 290 -5.36 -6.60 -14.49
C VAL A 290 -4.62 -6.33 -13.15
N ILE A 291 -4.29 -7.39 -12.41
CA ILE A 291 -3.61 -7.19 -11.12
C ILE A 291 -2.16 -7.48 -11.33
N THR A 292 -1.33 -6.56 -10.90
CA THR A 292 0.10 -6.74 -11.20
C THR A 292 0.93 -6.98 -9.95
N SER A 293 0.33 -6.81 -8.76
CA SER A 293 1.12 -7.03 -7.58
C SER A 293 0.14 -7.10 -6.38
N VAL A 294 0.47 -7.98 -5.43
CA VAL A 294 -0.33 -8.21 -4.21
C VAL A 294 0.67 -8.17 -3.06
N THR A 295 0.53 -7.13 -2.23
CA THR A 295 1.49 -6.94 -1.15
C THR A 295 0.67 -7.12 0.15
N LEU A 296 1.25 -7.85 1.12
CA LEU A 296 0.66 -8.05 2.47
C LEU A 296 1.33 -7.06 3.39
N TRP A 297 0.53 -6.46 4.27
CA TRP A 297 1.06 -5.46 5.14
C TRP A 297 1.74 -6.05 6.36
N GLY A 298 2.84 -6.75 6.09
CA GLY A 298 3.53 -7.42 7.16
C GLY A 298 3.96 -8.83 6.71
N ILE A 299 4.79 -9.50 7.52
CA ILE A 299 5.33 -10.81 7.13
C ILE A 299 4.62 -11.96 7.93
N SER A 300 4.62 -11.81 9.25
CA SER A 300 4.00 -12.76 10.15
C SER A 300 3.28 -11.99 11.25
N ASP A 301 2.42 -12.70 11.97
CA ASP A 301 1.60 -12.15 13.03
C ASP A 301 2.46 -11.74 14.21
N ARG A 302 3.74 -12.10 14.19
CA ARG A 302 4.70 -11.63 15.22
C ARG A 302 4.79 -10.09 15.21
N HIS A 303 4.57 -9.47 14.05
CA HIS A 303 4.72 -8.03 13.95
C HIS A 303 3.74 -7.46 12.96
N THR A 304 2.74 -6.78 13.49
CA THR A 304 1.69 -6.21 12.65
C THR A 304 1.18 -4.90 13.24
N TRP A 305 1.00 -3.90 12.43
CA TRP A 305 0.45 -2.62 12.88
C TRP A 305 -0.99 -2.79 13.40
N LYS A 306 -1.63 -3.91 13.03
CA LYS A 306 -3.01 -4.16 13.57
C LYS A 306 -2.98 -4.48 15.08
N ASP A 307 -1.81 -4.79 15.66
CA ASP A 307 -1.73 -4.88 17.13
C ASP A 307 -1.97 -3.54 17.82
N ASN A 308 -1.74 -2.44 17.12
CA ASN A 308 -1.95 -1.10 17.72
C ASN A 308 -2.94 -0.23 17.00
N PHE A 309 -3.48 -0.74 15.91
CA PHE A 309 -4.50 0.07 15.25
C PHE A 309 -5.66 -0.83 14.87
N PRO A 310 -6.91 -0.46 15.21
CA PRO A 310 -7.30 0.79 15.80
C PRO A 310 -7.26 0.79 17.29
N VAL A 311 -6.84 -0.32 17.90
CA VAL A 311 -6.70 -0.34 19.39
C VAL A 311 -5.24 -0.47 19.76
N ILE A 312 -4.75 0.52 20.48
CA ILE A 312 -3.40 0.42 21.08
C ILE A 312 -3.28 -0.82 21.94
N GLY A 313 -2.15 -1.51 21.82
CA GLY A 313 -1.78 -2.57 22.74
C GLY A 313 -2.60 -3.86 22.75
N ARG A 314 -3.32 -4.20 21.67
CA ARG A 314 -3.97 -5.51 21.68
C ARG A 314 -3.25 -6.49 20.75
N LYS A 315 -3.84 -7.62 20.42
CA LYS A 315 -3.13 -8.50 19.53
C LYS A 315 -4.05 -8.90 18.39
N ASP A 316 -3.56 -8.88 17.15
CA ASP A 316 -4.40 -9.35 16.01
C ASP A 316 -3.57 -10.35 15.25
N TRP A 317 -4.16 -11.17 14.36
CA TRP A 317 -3.40 -12.24 13.67
C TRP A 317 -3.75 -12.16 12.19
N PRO A 318 -3.32 -11.08 11.51
CA PRO A 318 -3.96 -10.75 10.19
C PRO A 318 -3.30 -11.34 8.96
N LEU A 319 -2.24 -12.09 9.15
CA LEU A 319 -1.27 -12.31 8.03
C LEU A 319 -1.17 -13.79 7.65
N LEU A 320 -0.15 -14.18 6.87
CA LEU A 320 -0.07 -15.53 6.40
C LEU A 320 0.81 -16.45 7.19
N PHE A 321 1.69 -15.89 8.01
CA PHE A 321 2.59 -16.66 8.81
C PHE A 321 2.21 -16.31 10.24
N ASP A 322 2.31 -17.29 11.14
CA ASP A 322 1.82 -17.11 12.51
C ASP A 322 2.88 -16.52 13.40
N ILE A 323 2.62 -16.44 14.71
CA ILE A 323 3.59 -15.74 15.60
C ILE A 323 4.98 -16.40 15.67
N ASP A 324 5.07 -17.64 15.21
CA ASP A 324 6.40 -18.30 15.17
C ASP A 324 7.00 -18.30 13.78
N GLY A 325 6.37 -17.60 12.87
CA GLY A 325 6.88 -17.56 11.53
C GLY A 325 6.44 -18.74 10.69
N LYS A 326 5.40 -19.48 11.09
CA LYS A 326 5.02 -20.66 10.32
C LYS A 326 3.84 -20.44 9.39
N PRO A 327 3.88 -21.07 8.21
CA PRO A 327 2.75 -20.95 7.30
C PRO A 327 1.44 -21.34 8.00
N LYS A 328 0.41 -20.52 7.88
CA LYS A 328 -0.89 -20.74 8.52
C LYS A 328 -1.67 -21.51 7.49
N LYS A 329 -2.87 -21.85 7.88
CA LYS A 329 -3.77 -22.59 7.03
C LYS A 329 -4.06 -21.81 5.76
N ALA A 330 -4.22 -20.50 5.93
CA ALA A 330 -4.50 -19.62 4.81
C ALA A 330 -3.39 -19.72 3.75
N PHE A 331 -2.14 -19.84 4.19
CA PHE A 331 -1.04 -20.03 3.27
C PHE A 331 -1.25 -21.27 2.38
N PHE A 332 -1.58 -22.42 2.99
CA PHE A 332 -1.68 -23.63 2.19
C PHE A 332 -2.93 -23.57 1.34
N ARG A 333 -3.93 -22.82 1.80
CA ARG A 333 -5.13 -22.56 0.99
C ARG A 333 -4.82 -21.85 -0.34
N ILE A 334 -3.97 -20.82 -0.28
CA ILE A 334 -3.86 -19.91 -1.42
C ILE A 334 -2.78 -20.42 -2.35
N ILE A 335 -1.90 -21.30 -1.88
CA ILE A 335 -1.05 -22.02 -2.86
C ILE A 335 -1.74 -23.24 -3.52
N ASP A 336 -3.00 -23.49 -3.17
CA ASP A 336 -3.74 -24.67 -3.69
C ASP A 336 -4.52 -24.48 -5.00
N PHE A 337 -3.84 -24.58 -6.13
CA PHE A 337 -4.44 -24.39 -7.44
C PHE A 337 -3.36 -24.85 -8.40
N LEU A 338 -3.68 -25.06 -9.68
CA LEU A 338 -2.64 -25.33 -10.69
C LEU A 338 -2.85 -24.35 -11.85
N GLU A 339 -1.80 -24.04 -12.61
CA GLU A 339 -1.97 -23.13 -13.76
C GLU A 339 -2.03 -23.87 -15.10
C1 144 B . 1.10 3.26 5.45
N 144 B . -0.36 3.45 5.60
C2 144 B . -1.05 2.20 5.53
O2 144 B . -2.36 2.44 5.92
C3 144 B . -0.76 3.98 6.90
O3 144 B . -0.43 3.10 7.94
C4 144 B . -0.92 4.41 4.63
O4 144 B . -1.32 3.86 3.42
#